data_4Y7P
#
_entry.id   4Y7P
#
_cell.length_a   104.019
_cell.length_b   104.019
_cell.length_c   98.535
_cell.angle_alpha   90.00
_cell.angle_beta   90.00
_cell.angle_gamma   120.00
#
_symmetry.space_group_name_H-M   'P 32 2 1'
#
loop_
_entity.id
_entity.type
_entity.pdbx_description
1 polymer 'Alkaline D-peptidase'
2 non-polymer 'THIOCYANATE ION'
3 water water
#
_entity_poly.entity_id   1
_entity_poly.type   'polypeptide(L)'
_entity_poly.pdbx_seq_one_letter_code
;MKTRSQITCASLALLIAGSSLLYTTQTLIVKAEPTQSVSSSVQTSTQRDRNSVKQAVRDTLQLGFPGILAKTSEGGKTWS
YAAGVANLSSKKPMKTDFRFRIGSVTKTFTATVVLQLAEENRLNLDDSIEKWLPGVIQGNGYDDKQITIRQLLNHTSGIA
EYTRSKSFDLMDTKKSYRAEELVKMGISMPPDFAPGKSWSYSNTGYVLLGILIETVTGNSYAEEIENRIIEPLELSNTFL
PGNSSVIPGTKHARGYIQLDGASEPKDVTYYNPSMGSSAGDMISTADDLNKFFSYLLGGKLLKEQQLKQMLTTVPTGEAA
LGRYGLGIYETKLPNGVSIWGHGGSIPGFVTFAGGTLGGKHTLAVNLNSLNAESPDPFKNILLAEFSK
;
_entity_poly.pdbx_strand_id   A
#
# COMPACT_ATOMS: atom_id res chain seq x y z
N GLN A 47 6.19 24.83 -18.32
CA GLN A 47 4.90 24.27 -17.78
C GLN A 47 4.73 22.82 -18.16
N ARG A 48 3.87 22.11 -17.44
CA ARG A 48 3.65 20.69 -17.65
C ARG A 48 2.79 20.48 -18.91
N ASP A 49 3.15 19.47 -19.74
CA ASP A 49 2.26 19.03 -20.81
C ASP A 49 1.24 18.03 -20.27
N ARG A 50 0.04 18.51 -20.05
CA ARG A 50 -0.99 17.66 -19.50
C ARG A 50 -1.51 16.70 -20.53
N ASN A 51 -1.39 17.00 -21.84
CA ASN A 51 -1.85 16.06 -22.87
C ASN A 51 -1.16 14.78 -22.87
N SER A 52 0.15 14.82 -22.64
CA SER A 52 0.89 13.58 -22.53
C SER A 52 0.40 12.78 -21.29
N VAL A 53 0.03 13.44 -20.21
CA VAL A 53 -0.51 12.69 -19.04
C VAL A 53 -1.86 12.08 -19.38
N LYS A 54 -2.76 12.89 -19.96
CA LYS A 54 -4.05 12.36 -20.39
C LYS A 54 -3.88 11.18 -21.27
N GLN A 55 -2.93 11.32 -22.21
CA GLN A 55 -2.75 10.21 -23.12
C GLN A 55 -2.32 8.98 -22.37
N ALA A 56 -1.31 9.16 -21.51
CA ALA A 56 -0.79 7.98 -20.76
C ALA A 56 -1.94 7.40 -19.84
N VAL A 57 -2.80 8.28 -19.34
CA VAL A 57 -3.87 7.79 -18.45
C VAL A 57 -4.79 6.94 -19.29
N ARG A 58 -5.21 7.51 -20.44
CA ARG A 58 -6.14 6.81 -21.33
C ARG A 58 -5.60 5.54 -21.87
N ASP A 59 -4.36 5.54 -22.31
CA ASP A 59 -3.81 4.27 -22.83
C ASP A 59 -3.68 3.20 -21.81
N THR A 60 -3.56 3.55 -20.52
CA THR A 60 -3.43 2.48 -19.51
C THR A 60 -4.62 1.54 -19.61
N LEU A 61 -5.77 2.08 -19.96
CA LEU A 61 -6.96 1.17 -20.07
C LEU A 61 -6.80 0.09 -21.04
N GLN A 62 -5.93 0.30 -22.05
CA GLN A 62 -5.85 -0.69 -23.11
C GLN A 62 -5.02 -1.84 -22.66
N LEU A 63 -4.40 -1.74 -21.50
CA LEU A 63 -3.84 -2.93 -20.86
C LEU A 63 -4.92 -3.87 -20.27
N GLY A 64 -6.20 -3.53 -20.34
CA GLY A 64 -7.27 -4.42 -19.81
C GLY A 64 -7.84 -3.97 -18.45
N PHE A 65 -8.21 -2.70 -18.36
CA PHE A 65 -8.89 -2.15 -17.18
C PHE A 65 -10.19 -1.41 -17.53
N PRO A 66 -11.21 -1.46 -16.63
CA PRO A 66 -12.40 -0.74 -17.05
C PRO A 66 -12.26 0.76 -17.03
N GLY A 67 -11.65 1.24 -15.96
CA GLY A 67 -11.54 2.67 -15.77
C GLY A 67 -10.43 3.11 -14.88
N ILE A 68 -10.19 4.40 -14.90
CA ILE A 68 -9.02 4.95 -14.28
C ILE A 68 -9.24 6.34 -13.83
N LEU A 69 -8.76 6.67 -12.63
CA LEU A 69 -8.74 8.07 -12.11
C LEU A 69 -7.35 8.42 -11.69
N ALA A 70 -7.00 9.71 -11.78
CA ALA A 70 -5.71 10.15 -11.25
C ALA A 70 -5.84 11.54 -10.89
N LYS A 71 -5.06 11.96 -9.89
CA LYS A 71 -4.89 13.39 -9.54
C LYS A 71 -3.48 13.73 -9.16
N THR A 72 -3.06 14.96 -9.49
CA THR A 72 -1.65 15.37 -9.33
C THR A 72 -1.69 16.64 -8.63
N SER A 73 -0.67 16.91 -7.84
CA SER A 73 -0.52 18.25 -7.17
C SER A 73 0.96 18.64 -7.25
N GLU A 74 1.21 19.88 -7.65
CA GLU A 74 2.62 20.34 -7.93
C GLU A 74 2.67 21.81 -7.74
N GLY A 75 3.35 22.26 -6.69
CA GLY A 75 3.41 23.65 -6.39
C GLY A 75 2.08 24.10 -5.87
N GLY A 76 1.27 23.19 -5.36
CA GLY A 76 -0.09 23.62 -5.01
C GLY A 76 -1.00 23.73 -6.24
N LYS A 77 -0.51 23.43 -7.44
CA LYS A 77 -1.38 23.40 -8.63
C LYS A 77 -1.86 21.95 -8.89
N THR A 78 -3.17 21.75 -8.82
CA THR A 78 -3.78 20.41 -8.96
C THR A 78 -4.36 20.10 -10.34
N TRP A 79 -4.44 18.83 -10.71
CA TRP A 79 -5.11 18.48 -11.92
C TRP A 79 -5.73 17.10 -11.73
N SER A 80 -6.84 16.88 -12.43
CA SER A 80 -7.73 15.71 -12.32
C SER A 80 -7.90 14.98 -13.64
N TYR A 81 -7.90 13.64 -13.64
CA TYR A 81 -7.92 12.81 -14.82
C TYR A 81 -8.91 11.71 -14.53
N ALA A 82 -9.67 11.33 -15.55
CA ALA A 82 -10.49 10.16 -15.49
C ALA A 82 -10.78 9.68 -16.89
N ALA A 83 -10.73 8.37 -17.09
CA ALA A 83 -11.14 7.74 -18.30
C ALA A 83 -11.77 6.42 -18.01
N GLY A 84 -12.45 5.92 -19.03
CA GLY A 84 -13.09 4.63 -18.98
C GLY A 84 -14.34 4.65 -18.05
N VAL A 85 -14.71 3.49 -17.58
CA VAL A 85 -16.01 3.33 -16.92
C VAL A 85 -15.91 2.81 -15.48
N ALA A 86 -16.83 3.25 -14.65
CA ALA A 86 -17.03 2.75 -13.24
C ALA A 86 -17.68 1.38 -13.19
N ASN A 87 -18.41 1.02 -14.27
CA ASN A 87 -19.27 -0.13 -14.28
C ASN A 87 -19.31 -0.71 -15.70
N LEU A 88 -18.86 -1.94 -15.84
CA LEU A 88 -18.71 -2.54 -17.14
C LEU A 88 -20.04 -2.93 -17.81
N SER A 89 -21.10 -3.05 -17.03
CA SER A 89 -22.35 -3.43 -17.53
C SER A 89 -23.24 -2.18 -17.83
N SER A 90 -23.23 -1.14 -17.03
CA SER A 90 -24.08 0.02 -17.30
C SER A 90 -23.34 1.14 -18.09
N LYS A 91 -22.02 1.04 -18.13
CA LYS A 91 -21.13 1.96 -18.80
C LYS A 91 -21.12 3.34 -18.24
N LYS A 92 -21.48 3.47 -16.99
CA LYS A 92 -21.30 4.71 -16.34
C LYS A 92 -19.81 5.09 -16.24
N PRO A 93 -19.49 6.34 -16.46
CA PRO A 93 -18.15 6.82 -16.56
C PRO A 93 -17.40 6.79 -15.22
N MET A 94 -16.10 6.51 -15.28
CA MET A 94 -15.22 6.71 -14.12
C MET A 94 -15.19 8.17 -13.77
N LYS A 95 -15.26 8.50 -12.49
CA LYS A 95 -15.05 9.84 -12.08
C LYS A 95 -13.86 10.06 -11.18
N THR A 96 -13.36 11.29 -11.14
CA THR A 96 -12.06 11.54 -10.56
C THR A 96 -12.09 11.49 -9.03
N ASP A 97 -13.23 11.82 -8.37
CA ASP A 97 -13.30 11.96 -6.90
C ASP A 97 -13.78 10.71 -6.24
N PHE A 98 -13.80 9.60 -6.96
CA PHE A 98 -14.22 8.35 -6.36
C PHE A 98 -13.27 7.83 -5.23
N ARG A 99 -13.88 7.13 -4.26
CA ARG A 99 -13.19 6.29 -3.26
C ARG A 99 -12.87 4.97 -3.85
N PHE A 100 -11.76 4.36 -3.43
CA PHE A 100 -11.28 3.08 -3.84
C PHE A 100 -10.46 2.37 -2.73
N ARG A 101 -10.41 1.05 -2.76
CA ARG A 101 -9.57 0.23 -1.89
C ARG A 101 -8.11 0.51 -2.30
N ILE A 102 -7.27 0.88 -1.34
CA ILE A 102 -5.92 1.33 -1.69
C ILE A 102 -4.99 0.17 -1.55
N GLY A 103 -5.48 -0.94 -1.04
CA GLY A 103 -4.60 -2.07 -0.83
C GLY A 103 -3.34 -1.71 0.01
N SER A 104 -2.19 -2.25 -0.39
CA SER A 104 -0.87 -1.98 0.27
C SER A 104 -0.42 -0.58 0.47
N VAL A 105 -1.05 0.42 -0.11
CA VAL A 105 -0.71 1.75 0.31
C VAL A 105 -0.97 1.92 1.83
N THR A 106 -1.85 1.05 2.37
CA THR A 106 -2.11 0.99 3.78
C THR A 106 -0.77 0.87 4.55
N LYS A 107 0.19 0.19 3.97
CA LYS A 107 1.49 -0.05 4.66
C LYS A 107 2.18 1.20 5.03
N THR A 108 2.03 2.24 4.23
CA THR A 108 2.64 3.49 4.53
C THR A 108 2.00 4.20 5.75
N PHE A 109 0.69 4.01 5.93
CA PHE A 109 -0.03 4.57 7.10
C PHE A 109 0.43 3.80 8.40
N THR A 110 0.44 2.48 8.32
CA THR A 110 0.93 1.66 9.45
C THR A 110 2.35 1.99 9.85
N ALA A 111 3.26 2.10 8.89
CA ALA A 111 4.64 2.49 9.18
C ALA A 111 4.75 3.85 9.78
N THR A 112 3.95 4.78 9.33
CA THR A 112 3.97 6.09 9.88
C THR A 112 3.58 6.09 11.39
N VAL A 113 2.59 5.28 11.77
CA VAL A 113 2.19 5.17 13.17
C VAL A 113 3.36 4.56 13.97
N VAL A 114 3.97 3.55 13.41
CA VAL A 114 5.06 2.85 14.12
C VAL A 114 6.22 3.82 14.33
N LEU A 115 6.47 4.66 13.34
CA LEU A 115 7.49 5.63 13.47
C LEU A 115 7.12 6.73 14.48
N GLN A 116 5.87 7.18 14.54
CA GLN A 116 5.53 8.16 15.54
C GLN A 116 5.75 7.60 16.98
N LEU A 117 5.36 6.35 17.17
CA LEU A 117 5.58 5.62 18.40
C LEU A 117 7.11 5.59 18.79
N ALA A 118 7.98 5.32 17.80
CA ALA A 118 9.41 5.44 18.02
C ALA A 118 9.78 6.84 18.44
N GLU A 119 9.21 7.83 17.81
CA GLU A 119 9.55 9.21 18.18
C GLU A 119 9.18 9.47 19.62
N GLU A 120 8.06 8.94 20.04
CA GLU A 120 7.57 9.23 21.38
C GLU A 120 8.26 8.32 22.43
N ASN A 121 9.25 7.52 22.02
CA ASN A 121 9.97 6.62 22.91
C ASN A 121 9.11 5.48 23.46
N ARG A 122 8.19 4.98 22.64
CA ARG A 122 7.30 3.93 23.05
C ARG A 122 7.75 2.65 22.53
N LEU A 123 8.64 2.69 21.56
CA LEU A 123 9.26 1.48 20.99
C LEU A 123 10.54 1.89 20.29
N ASN A 124 11.36 0.92 20.00
CA ASN A 124 12.56 1.15 19.19
C ASN A 124 12.50 0.34 17.93
N LEU A 125 12.92 0.95 16.82
CA LEU A 125 12.92 0.21 15.56
C LEU A 125 13.76 -1.02 15.62
N ASP A 126 14.87 -0.95 16.34
CA ASP A 126 15.68 -2.15 16.43
C ASP A 126 15.38 -3.01 17.62
N ASP A 127 14.27 -2.80 18.32
CA ASP A 127 13.86 -3.80 19.29
C ASP A 127 13.61 -5.09 18.56
N SER A 128 13.93 -6.20 19.23
CA SER A 128 13.53 -7.52 18.76
C SER A 128 12.02 -7.64 19.04
N ILE A 129 11.29 -8.37 18.20
CA ILE A 129 9.86 -8.52 18.48
C ILE A 129 9.61 -9.47 19.63
N GLU A 130 10.60 -10.29 19.95
CA GLU A 130 10.45 -11.16 21.12
C GLU A 130 10.14 -10.39 22.39
N LYS A 131 10.63 -9.16 22.51
CA LYS A 131 10.40 -8.30 23.70
C LYS A 131 8.93 -7.90 23.76
N TRP A 132 8.29 -7.82 22.57
CA TRP A 132 6.97 -7.23 22.49
C TRP A 132 5.90 -8.30 22.38
N LEU A 133 6.17 -9.33 21.62
CA LEU A 133 5.21 -10.39 21.29
C LEU A 133 5.81 -11.74 21.44
N PRO A 134 6.19 -12.10 22.67
CA PRO A 134 6.88 -13.38 22.89
C PRO A 134 5.93 -14.51 22.59
N GLY A 135 6.45 -15.62 22.12
CA GLY A 135 5.65 -16.76 21.87
C GLY A 135 4.89 -16.72 20.55
N VAL A 136 5.10 -15.74 19.68
CA VAL A 136 4.22 -15.62 18.52
C VAL A 136 4.89 -16.16 17.28
N ILE A 137 6.03 -15.60 16.95
CA ILE A 137 6.75 -16.03 15.82
C ILE A 137 7.66 -17.09 16.35
N GLN A 138 7.21 -18.33 16.24
CA GLN A 138 8.03 -19.49 16.60
C GLN A 138 7.56 -20.73 15.89
N GLY A 139 8.42 -21.76 15.87
CA GLY A 139 8.12 -23.06 15.20
C GLY A 139 8.83 -22.94 13.87
N ASN A 140 9.04 -24.06 13.17
CA ASN A 140 9.51 -24.05 11.82
C ASN A 140 10.87 -23.46 11.62
N GLY A 141 11.59 -23.38 12.73
CA GLY A 141 12.86 -22.78 12.68
C GLY A 141 12.83 -21.28 12.70
N TYR A 142 11.68 -20.67 13.06
CA TYR A 142 11.71 -19.19 13.21
C TYR A 142 12.51 -18.81 14.41
N ASP A 143 13.21 -17.71 14.36
CA ASP A 143 13.88 -17.22 15.57
C ASP A 143 13.55 -15.74 15.90
N ASP A 144 12.61 -15.57 16.80
CA ASP A 144 12.10 -14.19 17.02
C ASP A 144 13.10 -13.27 17.66
N LYS A 145 14.16 -13.82 18.25
CA LYS A 145 15.07 -13.00 19.01
C LYS A 145 15.94 -12.24 18.03
N GLN A 146 16.03 -12.72 16.80
CA GLN A 146 16.76 -11.98 15.73
C GLN A 146 15.81 -11.08 14.84
N ILE A 147 14.49 -11.19 14.98
CA ILE A 147 13.59 -10.36 14.14
C ILE A 147 13.35 -9.04 14.82
N THR A 148 13.60 -7.94 14.11
CA THR A 148 13.29 -6.64 14.62
C THR A 148 12.04 -5.96 13.98
N ILE A 149 11.61 -4.90 14.62
CA ILE A 149 10.51 -4.11 14.16
C ILE A 149 10.90 -3.50 12.80
N ARG A 150 12.11 -2.94 12.70
CA ARG A 150 12.63 -2.38 11.45
C ARG A 150 12.53 -3.37 10.29
N GLN A 151 12.87 -4.62 10.55
CA GLN A 151 12.83 -5.61 9.54
C GLN A 151 11.42 -5.96 9.03
N LEU A 152 10.46 -5.95 9.94
CA LEU A 152 9.07 -6.20 9.55
C LEU A 152 8.71 -5.07 8.60
N LEU A 153 9.10 -3.83 8.93
CA LEU A 153 8.74 -2.68 8.18
C LEU A 153 9.30 -2.65 6.74
N ASN A 154 10.50 -3.26 6.54
CA ASN A 154 11.20 -3.16 5.20
C ASN A 154 11.26 -4.47 4.51
N HIS A 155 10.52 -5.44 5.06
CA HIS A 155 10.39 -6.76 4.52
C HIS A 155 11.73 -7.54 4.50
N THR A 156 12.54 -7.34 5.53
CA THR A 156 13.72 -8.23 5.71
C THR A 156 13.64 -9.22 6.84
N SER A 157 12.47 -9.50 7.41
CA SER A 157 12.42 -10.41 8.52
C SER A 157 12.57 -11.83 8.12
N GLY A 158 12.17 -12.13 6.88
CA GLY A 158 12.00 -13.51 6.45
C GLY A 158 10.75 -14.24 6.85
N ILE A 159 9.86 -13.54 7.57
CA ILE A 159 8.57 -14.19 7.88
C ILE A 159 7.77 -14.47 6.60
N ALA A 160 7.33 -15.70 6.43
CA ALA A 160 6.71 -16.11 5.16
C ALA A 160 5.35 -15.42 4.92
N GLU A 161 4.96 -15.31 3.66
CA GLU A 161 3.85 -14.52 3.21
C GLU A 161 2.63 -15.37 3.30
N TYR A 162 1.66 -14.96 4.13
CA TYR A 162 0.48 -15.82 4.31
C TYR A 162 -0.34 -16.11 3.07
N THR A 163 -0.33 -15.22 2.10
CA THR A 163 -1.13 -15.46 0.90
C THR A 163 -0.55 -16.60 0.06
N ARG A 164 0.68 -17.05 0.33
CA ARG A 164 1.15 -18.30 -0.32
C ARG A 164 0.64 -19.55 0.34
N SER A 165 0.07 -19.47 1.50
CA SER A 165 -0.50 -20.68 2.00
C SER A 165 -1.64 -21.31 1.12
N LYS A 166 -1.69 -22.63 1.17
CA LYS A 166 -2.68 -23.39 0.47
C LYS A 166 -4.00 -23.20 1.14
N SER A 167 -4.02 -22.83 2.41
CA SER A 167 -5.32 -22.57 3.05
C SER A 167 -5.86 -21.17 2.69
N PHE A 168 -5.06 -20.32 2.05
CA PHE A 168 -5.52 -18.99 1.62
C PHE A 168 -6.17 -18.97 0.22
N ASP A 169 -7.30 -18.30 0.07
CA ASP A 169 -7.95 -18.20 -1.25
C ASP A 169 -8.35 -16.74 -1.60
N LEU A 170 -7.57 -16.09 -2.47
CA LEU A 170 -7.82 -14.74 -2.89
C LEU A 170 -9.22 -14.50 -3.38
N MET A 171 -9.80 -15.52 -4.01
CA MET A 171 -11.10 -15.38 -4.63
C MET A 171 -12.19 -15.61 -3.64
N ASP A 172 -11.92 -15.95 -2.41
CA ASP A 172 -12.98 -15.97 -1.42
C ASP A 172 -13.21 -14.48 -1.02
N THR A 173 -14.40 -13.95 -1.31
CA THR A 173 -14.61 -12.53 -1.18
C THR A 173 -15.33 -12.22 0.17
N LYS A 174 -15.56 -13.25 0.93
CA LYS A 174 -16.37 -13.22 2.16
C LYS A 174 -15.64 -13.42 3.51
N LYS A 175 -14.56 -14.15 3.49
CA LYS A 175 -14.07 -14.68 4.74
C LYS A 175 -13.49 -13.59 5.63
N SER A 176 -13.87 -13.63 6.93
CA SER A 176 -13.33 -12.75 7.93
C SER A 176 -12.17 -13.42 8.59
N TYR A 177 -11.02 -12.78 8.57
CA TYR A 177 -9.87 -13.22 9.29
C TYR A 177 -9.58 -12.26 10.50
N ARG A 178 -9.26 -12.86 11.63
CA ARG A 178 -8.57 -12.15 12.72
C ARG A 178 -7.09 -12.08 12.39
N ALA A 179 -6.43 -11.00 12.82
CA ALA A 179 -5.02 -10.80 12.48
C ALA A 179 -4.15 -11.96 12.88
N GLU A 180 -4.44 -12.54 14.05
CA GLU A 180 -3.58 -13.64 14.58
C GLU A 180 -3.73 -14.85 13.68
N GLU A 181 -4.88 -14.96 12.98
CA GLU A 181 -5.00 -16.10 12.05
C GLU A 181 -4.14 -15.99 10.83
N LEU A 182 -3.97 -14.77 10.34
CA LEU A 182 -3.05 -14.52 9.26
C LEU A 182 -1.57 -14.73 9.63
N VAL A 183 -1.21 -14.32 10.84
CA VAL A 183 0.14 -14.57 11.37
C VAL A 183 0.37 -16.06 11.41
N LYS A 184 -0.55 -16.82 11.97
CA LYS A 184 -0.34 -18.24 12.07
C LYS A 184 -0.24 -18.93 10.73
N MET A 185 -1.03 -18.44 9.75
CA MET A 185 -0.97 -18.96 8.41
C MET A 185 0.40 -18.69 7.81
N GLY A 186 0.94 -17.54 8.08
CA GLY A 186 2.26 -17.20 7.50
C GLY A 186 3.36 -18.08 8.12
N ILE A 187 3.32 -18.29 9.42
CA ILE A 187 4.40 -19.05 10.06
C ILE A 187 4.22 -20.55 9.95
N SER A 188 3.09 -20.99 9.39
CA SER A 188 2.87 -22.38 9.02
C SER A 188 3.89 -22.73 7.96
N MET A 189 4.53 -21.76 7.31
CA MET A 189 5.58 -22.03 6.37
C MET A 189 6.89 -21.53 6.95
N PRO A 190 8.01 -22.20 6.61
CA PRO A 190 9.29 -21.85 7.26
C PRO A 190 9.81 -20.53 6.80
N PRO A 191 10.78 -19.98 7.50
CA PRO A 191 11.32 -18.73 7.11
C PRO A 191 11.83 -18.81 5.71
N ASP A 192 11.77 -17.73 4.98
CA ASP A 192 12.29 -17.74 3.66
C ASP A 192 13.80 -17.60 3.77
N PHE A 193 14.28 -17.01 4.83
CA PHE A 193 15.69 -16.73 5.03
C PHE A 193 15.86 -16.29 6.47
N ALA A 194 17.11 -16.02 6.86
CA ALA A 194 17.43 -15.64 8.24
C ALA A 194 17.23 -14.15 8.36
N PRO A 195 16.87 -13.68 9.56
CA PRO A 195 16.48 -12.30 9.64
C PRO A 195 17.51 -11.37 9.16
N GLY A 196 17.13 -10.43 8.30
CA GLY A 196 18.08 -9.45 7.93
C GLY A 196 18.98 -9.88 6.77
N LYS A 197 18.92 -11.12 6.32
CA LYS A 197 19.85 -11.63 5.25
C LYS A 197 19.39 -11.43 3.84
N SER A 198 18.12 -11.03 3.67
CA SER A 198 17.55 -10.90 2.33
C SER A 198 16.28 -10.03 2.38
N TRP A 199 15.63 -9.87 1.23
CA TRP A 199 14.36 -9.10 1.06
C TRP A 199 13.32 -9.97 0.43
N SER A 200 12.11 -9.97 0.97
CA SER A 200 10.99 -10.62 0.32
C SER A 200 9.68 -10.05 0.93
N TYR A 201 8.85 -9.45 0.06
CA TYR A 201 7.55 -8.85 0.38
C TYR A 201 6.73 -9.73 1.26
N SER A 202 6.38 -9.20 2.43
CA SER A 202 5.61 -10.03 3.39
C SER A 202 4.45 -9.26 4.05
N ASN A 203 3.25 -9.54 3.60
CA ASN A 203 2.13 -8.93 4.22
C ASN A 203 2.10 -9.37 5.73
N THR A 204 2.50 -10.60 6.00
CA THR A 204 2.50 -11.16 7.36
C THR A 204 3.20 -10.22 8.33
N GLY A 205 4.29 -9.64 7.89
CA GLY A 205 4.98 -8.74 8.73
C GLY A 205 4.24 -7.47 9.09
N TYR A 206 3.43 -6.98 8.14
CA TYR A 206 2.59 -5.81 8.39
C TYR A 206 1.35 -6.14 9.19
N VAL A 207 0.86 -7.37 9.07
CA VAL A 207 -0.26 -7.78 9.94
C VAL A 207 0.29 -7.83 11.42
N LEU A 208 1.51 -8.35 11.55
CA LEU A 208 2.20 -8.41 12.85
C LEU A 208 2.40 -7.01 13.43
N LEU A 209 2.84 -6.05 12.60
CA LEU A 209 2.98 -4.70 13.04
C LEU A 209 1.67 -4.11 13.58
N GLY A 210 0.55 -4.48 12.98
CA GLY A 210 -0.74 -3.95 13.48
C GLY A 210 -1.02 -4.47 14.89
N ILE A 211 -0.66 -5.73 15.12
CA ILE A 211 -0.77 -6.31 16.45
C ILE A 211 0.16 -5.62 17.48
N LEU A 212 1.39 -5.40 17.05
CA LEU A 212 2.39 -4.72 17.82
C LEU A 212 1.93 -3.37 18.24
N ILE A 213 1.38 -2.61 17.32
CA ILE A 213 0.94 -1.29 17.68
C ILE A 213 -0.04 -1.33 18.89
N GLU A 214 -0.95 -2.29 18.86
CA GLU A 214 -1.92 -2.42 19.88
C GLU A 214 -1.29 -2.88 21.22
N THR A 215 -0.31 -3.77 21.11
CA THR A 215 0.47 -4.23 22.26
C THR A 215 1.17 -3.03 22.85
N VAL A 216 1.58 -2.04 22.07
CA VAL A 216 2.34 -0.93 22.59
C VAL A 216 1.42 0.06 23.21
N THR A 217 0.27 0.33 22.60
CA THR A 217 -0.50 1.51 23.06
C THR A 217 -1.78 1.10 23.74
N GLY A 218 -2.17 -0.17 23.66
CA GLY A 218 -3.55 -0.55 24.01
C GLY A 218 -4.64 -0.16 23.00
N ASN A 219 -4.30 0.45 21.86
CA ASN A 219 -5.37 0.84 20.87
C ASN A 219 -5.19 0.04 19.56
N SER A 220 -6.28 -0.37 18.91
CA SER A 220 -6.23 -1.00 17.60
C SER A 220 -5.43 -0.14 16.62
N TYR A 221 -4.87 -0.80 15.60
CA TYR A 221 -4.09 -0.09 14.60
C TYR A 221 -5.02 0.91 13.92
N ALA A 222 -6.29 0.59 13.80
CA ALA A 222 -7.20 1.52 13.09
C ALA A 222 -7.42 2.74 13.90
N GLU A 223 -7.63 2.54 15.20
CA GLU A 223 -7.73 3.75 16.09
C GLU A 223 -6.50 4.64 15.96
N GLU A 224 -5.32 4.02 15.95
CA GLU A 224 -4.08 4.83 15.85
C GLU A 224 -3.98 5.55 14.49
N ILE A 225 -4.27 4.83 13.40
CA ILE A 225 -4.23 5.49 12.10
C ILE A 225 -5.24 6.61 12.05
N GLU A 226 -6.45 6.39 12.60
CA GLU A 226 -7.46 7.39 12.58
C GLU A 226 -7.07 8.62 13.39
N ASN A 227 -6.58 8.39 14.59
CA ASN A 227 -6.31 9.49 15.54
C ASN A 227 -5.08 10.28 15.19
N ARG A 228 -4.08 9.63 14.62
CA ARG A 228 -2.82 10.30 14.28
C ARG A 228 -2.66 10.84 12.87
N ILE A 229 -3.38 10.24 11.91
CA ILE A 229 -3.21 10.62 10.52
C ILE A 229 -4.52 11.17 9.91
N ILE A 230 -5.55 10.34 9.88
CA ILE A 230 -6.82 10.69 9.20
C ILE A 230 -7.43 11.96 9.77
N GLU A 231 -7.71 11.95 11.06
CA GLU A 231 -8.36 13.09 11.73
C GLU A 231 -7.48 14.37 11.66
N PRO A 232 -6.15 14.31 11.94
CA PRO A 232 -5.41 15.58 11.87
C PRO A 232 -5.22 16.08 10.47
N LEU A 233 -5.15 15.23 9.47
CA LEU A 233 -5.06 15.71 8.09
C LEU A 233 -6.41 15.95 7.43
N GLU A 234 -7.47 15.72 8.19
CA GLU A 234 -8.81 15.78 7.66
C GLU A 234 -9.00 14.97 6.38
N LEU A 235 -8.54 13.70 6.38
CA LEU A 235 -8.70 12.84 5.25
C LEU A 235 -10.19 12.28 5.28
N SER A 236 -11.10 13.11 4.86
CA SER A 236 -12.56 12.93 5.11
C SER A 236 -13.21 11.92 4.15
N ASN A 237 -12.44 11.36 3.24
CA ASN A 237 -12.84 10.23 2.44
C ASN A 237 -11.96 9.02 2.63
N THR A 238 -11.32 8.91 3.78
CA THR A 238 -10.44 7.81 4.00
C THR A 238 -11.00 6.96 5.17
N PHE A 239 -11.05 5.64 5.00
CA PHE A 239 -11.79 4.76 5.90
C PHE A 239 -10.98 3.51 6.22
N LEU A 240 -11.24 3.01 7.39
CA LEU A 240 -10.69 1.77 7.91
C LEU A 240 -11.86 0.80 8.16
N PRO A 241 -12.13 -0.07 7.18
CA PRO A 241 -13.41 -0.81 7.21
C PRO A 241 -13.43 -2.13 7.99
N GLY A 242 -12.32 -2.54 8.55
CA GLY A 242 -12.38 -3.75 9.36
C GLY A 242 -12.69 -4.94 8.52
N ASN A 243 -13.66 -5.75 8.91
CA ASN A 243 -13.98 -6.89 8.11
C ASN A 243 -15.26 -6.61 7.35
N SER A 244 -15.68 -5.38 7.26
CA SER A 244 -16.88 -5.09 6.51
C SER A 244 -16.51 -5.07 5.04
N SER A 245 -17.45 -5.51 4.20
CA SER A 245 -17.13 -5.57 2.78
C SER A 245 -17.55 -4.34 2.02
N VAL A 246 -18.19 -3.41 2.73
CA VAL A 246 -18.76 -2.22 2.11
C VAL A 246 -17.73 -1.17 1.80
N ILE A 247 -17.73 -0.68 0.57
CA ILE A 247 -17.17 0.65 0.20
C ILE A 247 -18.28 1.68 0.35
N PRO A 248 -18.12 2.64 1.27
CA PRO A 248 -19.24 3.50 1.69
C PRO A 248 -19.68 4.43 0.64
N GLY A 249 -20.99 4.58 0.53
CA GLY A 249 -21.59 5.60 -0.29
C GLY A 249 -21.71 5.18 -1.74
N THR A 250 -22.15 6.13 -2.57
CA THR A 250 -22.28 5.95 -4.00
C THR A 250 -21.04 6.47 -4.68
N LYS A 251 -20.14 7.10 -3.97
CA LYS A 251 -18.99 7.74 -4.64
C LYS A 251 -17.85 6.78 -4.84
N HIS A 252 -18.10 5.69 -5.55
CA HIS A 252 -17.03 4.79 -5.87
C HIS A 252 -17.53 4.01 -7.08
N ALA A 253 -16.64 3.38 -7.78
CA ALA A 253 -16.92 2.47 -8.82
C ALA A 253 -17.18 1.08 -8.35
N ARG A 254 -17.51 0.24 -9.31
CA ARG A 254 -17.47 -1.18 -9.12
C ARG A 254 -16.04 -1.59 -9.23
N GLY A 255 -15.65 -2.64 -8.48
CA GLY A 255 -14.31 -3.14 -8.66
C GLY A 255 -14.31 -4.55 -9.19
N TYR A 256 -13.28 -4.87 -9.91
CA TYR A 256 -13.28 -6.12 -10.67
C TYR A 256 -11.97 -6.83 -10.47
N ILE A 257 -12.00 -8.14 -10.80
CA ILE A 257 -10.85 -8.93 -10.84
C ILE A 257 -10.84 -9.81 -12.15
N GLN A 258 -9.66 -9.97 -12.73
CA GLN A 258 -9.57 -10.80 -13.93
C GLN A 258 -8.31 -11.62 -13.90
N LEU A 259 -8.38 -12.91 -13.62
CA LEU A 259 -7.12 -13.66 -13.31
C LEU A 259 -6.48 -14.24 -14.58
N ASP A 260 -6.82 -13.65 -15.72
CA ASP A 260 -6.88 -14.41 -16.94
C ASP A 260 -6.59 -13.75 -18.30
N GLY A 261 -7.30 -12.68 -18.68
CA GLY A 261 -7.23 -12.13 -20.05
C GLY A 261 -8.25 -12.77 -21.01
N ALA A 262 -8.36 -14.11 -20.95
CA ALA A 262 -9.34 -14.91 -21.69
C ALA A 262 -10.54 -15.24 -20.81
N SER A 263 -11.13 -14.20 -20.20
CA SER A 263 -12.32 -14.36 -19.39
C SER A 263 -12.91 -13.01 -18.98
N GLU A 264 -14.18 -13.01 -18.66
CA GLU A 264 -14.83 -11.83 -18.15
C GLU A 264 -14.13 -11.35 -16.85
N PRO A 265 -14.01 -10.04 -16.66
CA PRO A 265 -13.67 -9.59 -15.29
C PRO A 265 -14.85 -9.82 -14.36
N LYS A 266 -14.62 -10.34 -13.17
CA LYS A 266 -15.68 -10.56 -12.21
C LYS A 266 -15.86 -9.36 -11.23
N ASP A 267 -17.11 -8.99 -10.95
CA ASP A 267 -17.37 -7.86 -10.06
C ASP A 267 -17.08 -8.29 -8.60
N VAL A 268 -16.13 -7.65 -7.92
CA VAL A 268 -15.83 -8.05 -6.51
C VAL A 268 -15.83 -6.79 -5.64
N THR A 269 -16.69 -5.86 -6.01
CA THR A 269 -16.87 -4.62 -5.34
C THR A 269 -16.98 -4.85 -3.82
N TYR A 270 -17.84 -5.79 -3.43
CA TYR A 270 -17.94 -6.23 -2.05
C TYR A 270 -16.94 -7.37 -1.77
N TYR A 271 -15.93 -7.04 -1.03
CA TYR A 271 -14.81 -7.95 -0.78
C TYR A 271 -14.36 -7.70 0.69
N ASN A 272 -13.97 -8.72 1.42
CA ASN A 272 -13.77 -8.58 2.84
C ASN A 272 -12.30 -8.20 2.95
N PRO A 273 -12.00 -6.98 3.40
CA PRO A 273 -10.63 -6.55 3.45
C PRO A 273 -9.81 -7.01 4.70
N SER A 274 -10.36 -7.87 5.52
CA SER A 274 -9.65 -8.44 6.65
C SER A 274 -8.56 -9.39 6.28
N MET A 275 -8.52 -9.82 5.01
CA MET A 275 -7.39 -10.56 4.48
C MET A 275 -6.19 -9.66 4.28
N GLY A 276 -6.39 -8.36 4.33
CA GLY A 276 -5.30 -7.40 4.23
C GLY A 276 -4.93 -6.75 5.61
N SER A 277 -5.93 -6.41 6.45
CA SER A 277 -5.61 -5.87 7.79
C SER A 277 -4.69 -4.64 7.62
N SER A 278 -3.74 -4.50 8.54
CA SER A 278 -2.81 -3.38 8.60
C SER A 278 -1.79 -3.47 7.45
N ALA A 279 -1.85 -4.54 6.67
CA ALA A 279 -1.11 -4.65 5.39
C ALA A 279 -1.81 -4.11 4.18
N GLY A 280 -3.13 -3.88 4.24
CA GLY A 280 -3.85 -3.53 3.03
C GLY A 280 -5.34 -3.19 3.03
N ASP A 281 -5.96 -2.87 4.19
CA ASP A 281 -7.42 -2.78 4.22
C ASP A 281 -8.01 -1.43 3.90
N MET A 282 -7.21 -0.38 3.75
CA MET A 282 -7.82 0.93 3.74
C MET A 282 -8.51 1.32 2.43
N ILE A 283 -9.46 2.25 2.58
CA ILE A 283 -10.15 2.90 1.49
C ILE A 283 -9.80 4.38 1.50
N SER A 284 -9.60 5.00 0.33
CA SER A 284 -9.29 6.43 0.33
C SER A 284 -9.63 7.05 -1.08
N THR A 285 -9.20 8.26 -1.32
CA THR A 285 -9.40 9.00 -2.61
C THR A 285 -8.06 9.55 -3.10
N ALA A 286 -8.04 10.00 -4.35
CA ALA A 286 -6.81 10.57 -4.92
C ALA A 286 -6.49 11.80 -4.10
N ASP A 287 -7.48 12.56 -3.70
CA ASP A 287 -7.14 13.77 -2.94
C ASP A 287 -6.49 13.39 -1.57
N ASP A 288 -7.09 12.44 -0.90
CA ASP A 288 -6.67 12.23 0.47
C ASP A 288 -5.25 11.64 0.39
N LEU A 289 -4.98 10.78 -0.57
CA LEU A 289 -3.66 10.20 -0.71
C LEU A 289 -2.57 11.20 -1.15
N ASN A 290 -2.92 12.15 -2.02
CA ASN A 290 -1.99 13.26 -2.30
C ASN A 290 -1.63 14.05 -1.05
N LYS A 291 -2.61 14.48 -0.29
CA LYS A 291 -2.42 15.20 0.93
C LYS A 291 -1.55 14.38 1.94
N PHE A 292 -1.87 13.11 2.15
CA PHE A 292 -1.04 12.24 2.97
C PHE A 292 0.44 12.23 2.48
N PHE A 293 0.72 11.86 1.24
CA PHE A 293 2.07 11.77 0.79
C PHE A 293 2.74 13.13 0.77
N SER A 294 2.01 14.19 0.59
CA SER A 294 2.62 15.48 0.59
C SER A 294 3.01 15.94 2.00
N TYR A 295 2.17 15.67 2.97
CA TYR A 295 2.53 15.91 4.34
C TYR A 295 3.69 15.01 4.82
N LEU A 296 3.69 13.75 4.42
CA LEU A 296 4.68 12.84 4.88
C LEU A 296 6.03 13.31 4.33
N LEU A 297 6.08 13.44 3.01
CA LEU A 297 7.33 13.74 2.36
C LEU A 297 7.76 15.20 2.55
N GLY A 298 6.87 16.07 2.94
CA GLY A 298 7.21 17.43 3.21
C GLY A 298 7.45 17.70 4.69
N GLY A 299 7.64 16.66 5.51
CA GLY A 299 8.13 16.90 6.89
C GLY A 299 7.04 17.27 7.85
N LYS A 300 5.77 17.04 7.51
CA LYS A 300 4.74 17.47 8.44
C LYS A 300 4.14 16.37 9.29
N LEU A 301 4.40 15.09 9.00
CA LEU A 301 3.84 14.03 9.77
C LEU A 301 4.90 13.36 10.65
N LEU A 302 6.01 13.02 10.04
CA LEU A 302 7.19 12.47 10.75
C LEU A 302 8.26 13.55 10.79
N LYS A 303 8.87 13.70 11.96
CA LYS A 303 9.96 14.61 12.14
C LYS A 303 11.16 14.06 11.48
N GLU A 304 12.18 14.92 11.35
CA GLU A 304 13.31 14.61 10.38
C GLU A 304 13.97 13.31 10.71
N GLN A 305 14.17 13.08 12.00
CA GLN A 305 14.84 11.85 12.37
C GLN A 305 14.08 10.60 11.96
N GLN A 306 12.74 10.63 12.08
CA GLN A 306 11.97 9.43 11.73
C GLN A 306 11.85 9.34 10.24
N LEU A 307 11.63 10.46 9.57
CA LEU A 307 11.52 10.45 8.08
C LEU A 307 12.82 9.88 7.45
N LYS A 308 13.95 10.28 8.03
CA LYS A 308 15.22 9.70 7.54
C LYS A 308 15.24 8.25 7.70
N GLN A 309 14.75 7.73 8.82
CA GLN A 309 14.73 6.24 8.93
C GLN A 309 13.78 5.64 7.84
N MET A 310 12.66 6.29 7.61
CA MET A 310 11.67 5.74 6.68
C MET A 310 12.27 5.65 5.30
N LEU A 311 13.05 6.66 4.96
CA LEU A 311 13.71 6.70 3.66
C LEU A 311 15.07 6.00 3.61
N THR A 312 15.46 5.30 4.64
CA THR A 312 16.63 4.46 4.54
C THR A 312 16.22 3.18 3.96
N THR A 313 16.80 2.78 2.81
CA THR A 313 16.30 1.65 2.05
C THR A 313 17.23 0.46 1.95
N VAL A 314 16.66 -0.70 1.65
CA VAL A 314 17.43 -1.88 1.37
C VAL A 314 17.16 -2.26 -0.10
N PRO A 315 18.09 -3.00 -0.71
CA PRO A 315 17.85 -3.45 -2.09
C PRO A 315 16.82 -4.55 -2.12
N THR A 316 16.02 -4.56 -3.19
CA THR A 316 14.93 -5.50 -3.32
C THR A 316 15.21 -6.53 -4.32
N GLY A 317 15.84 -6.14 -5.42
CA GLY A 317 16.36 -7.10 -6.39
C GLY A 317 15.24 -7.63 -7.24
N GLU A 318 14.95 -6.77 -8.22
N GLU A 318 15.39 -7.35 -8.52
CA GLU A 318 13.56 -6.38 -8.57
CA GLU A 318 15.29 -8.44 -9.50
C GLU A 318 13.47 -5.12 -9.42
C GLU A 318 16.76 -8.69 -9.69
N ALA A 319 13.25 -5.28 -10.73
N ALA A 319 17.52 -7.62 -9.45
CA ALA A 319 12.83 -4.16 -11.53
CA ALA A 319 18.92 -7.52 -9.75
C ALA A 319 11.49 -3.77 -10.97
C ALA A 319 19.52 -6.40 -8.87
N ALA A 320 10.89 -4.68 -10.20
N ALA A 320 19.32 -6.47 -7.56
CA ALA A 320 9.59 -4.46 -9.57
CA ALA A 320 19.57 -5.33 -6.70
C ALA A 320 9.56 -3.18 -8.74
C ALA A 320 18.54 -4.24 -6.93
N LEU A 321 9.56 -3.33 -7.43
N LEU A 321 18.36 -3.82 -8.19
CA LEU A 321 9.74 -2.20 -6.57
CA LEU A 321 17.39 -2.77 -8.60
C LEU A 321 11.17 -1.80 -6.87
C LEU A 321 16.83 -1.92 -7.44
N GLY A 322 11.61 -0.60 -6.48
N GLY A 322 15.90 -2.46 -6.68
CA GLY A 322 13.03 -0.31 -6.36
CA GLY A 322 15.76 -1.94 -5.34
C GLY A 322 13.45 -0.52 -4.89
C GLY A 322 14.49 -1.32 -4.80
N ARG A 323 14.64 -0.04 -4.49
CA ARG A 323 14.84 0.26 -3.11
C ARG A 323 13.64 0.46 -2.16
N TYR A 324 13.53 -0.45 -1.20
CA TYR A 324 12.43 -0.39 -0.22
C TYR A 324 12.85 0.12 1.19
N GLY A 325 12.16 1.15 1.68
CA GLY A 325 12.34 1.74 3.01
C GLY A 325 11.38 1.16 4.06
N LEU A 326 10.95 1.99 4.97
CA LEU A 326 9.93 1.56 5.99
C LEU A 326 8.46 1.87 5.52
N GLY A 327 7.81 0.93 4.91
CA GLY A 327 6.45 1.16 4.30
C GLY A 327 6.38 2.13 3.12
N ILE A 328 7.48 2.22 2.38
CA ILE A 328 7.57 3.16 1.28
C ILE A 328 8.77 2.73 0.41
N TYR A 329 8.69 3.00 -0.89
CA TYR A 329 9.77 2.64 -1.78
C TYR A 329 10.03 3.67 -2.87
N GLU A 330 11.21 3.51 -3.49
CA GLU A 330 11.70 4.51 -4.41
C GLU A 330 11.53 3.93 -5.83
N THR A 331 10.82 4.71 -6.65
CA THR A 331 10.73 4.44 -8.08
C THR A 331 11.61 5.51 -8.79
N LYS A 332 12.71 5.05 -9.35
CA LYS A 332 13.72 5.92 -10.01
C LYS A 332 13.44 6.01 -11.51
N LEU A 333 13.25 7.20 -12.06
CA LEU A 333 12.96 7.27 -13.50
C LEU A 333 14.29 7.47 -14.30
N PRO A 334 14.31 7.10 -15.61
CA PRO A 334 15.48 7.41 -16.47
C PRO A 334 16.03 8.79 -16.25
N ASN A 335 15.20 9.79 -16.21
CA ASN A 335 15.72 11.15 -16.01
C ASN A 335 16.37 11.48 -14.66
N GLY A 336 16.63 10.50 -13.81
CA GLY A 336 17.08 10.85 -12.46
C GLY A 336 16.01 11.26 -11.42
N VAL A 337 14.73 11.23 -11.75
CA VAL A 337 13.73 11.63 -10.75
C VAL A 337 13.40 10.41 -9.86
N SER A 338 13.39 10.66 -8.57
CA SER A 338 12.95 9.62 -7.60
C SER A 338 11.51 9.88 -7.16
N ILE A 339 10.64 8.88 -7.32
CA ILE A 339 9.27 9.02 -6.74
C ILE A 339 9.14 8.07 -5.54
N TRP A 340 8.82 8.67 -4.41
CA TRP A 340 8.68 7.87 -3.16
C TRP A 340 7.20 7.66 -2.88
N GLY A 341 6.81 6.42 -2.76
CA GLY A 341 5.41 6.11 -2.43
C GLY A 341 5.24 4.63 -2.45
N HIS A 342 4.00 4.17 -2.69
CA HIS A 342 3.70 2.79 -2.59
C HIS A 342 2.54 2.44 -3.52
N GLY A 343 2.55 1.22 -3.97
CA GLY A 343 1.39 0.69 -4.65
C GLY A 343 0.54 -0.23 -3.83
N GLY A 344 -0.59 -0.56 -4.42
CA GLY A 344 -1.53 -1.53 -3.89
C GLY A 344 -2.22 -2.32 -4.98
N SER A 345 -2.63 -3.50 -4.61
CA SER A 345 -3.28 -4.35 -5.52
C SER A 345 -4.08 -5.33 -4.74
N ILE A 346 -5.39 -5.10 -4.63
CA ILE A 346 -6.32 -5.96 -3.93
C ILE A 346 -7.49 -6.22 -4.87
N PRO A 347 -8.16 -7.35 -4.71
CA PRO A 347 -9.18 -7.57 -5.66
C PRO A 347 -10.19 -6.41 -5.78
N GLY A 348 -10.32 -5.94 -7.01
CA GLY A 348 -11.16 -4.85 -7.33
C GLY A 348 -10.39 -3.65 -7.78
N PHE A 349 -9.18 -3.45 -7.24
CA PHE A 349 -8.50 -2.15 -7.25
C PHE A 349 -6.93 -2.16 -7.19
N VAL A 350 -6.31 -1.41 -8.10
CA VAL A 350 -4.86 -1.28 -8.22
C VAL A 350 -4.58 0.20 -8.20
N THR A 351 -3.61 0.55 -7.34
CA THR A 351 -3.34 1.92 -6.93
C THR A 351 -1.85 2.19 -6.90
N PHE A 352 -1.49 3.44 -7.13
CA PHE A 352 -0.20 3.92 -6.76
C PHE A 352 -0.37 5.31 -6.33
N ALA A 353 0.33 5.66 -5.25
CA ALA A 353 0.42 7.04 -4.80
C ALA A 353 1.82 7.34 -4.32
N GLY A 354 2.20 8.58 -4.45
CA GLY A 354 3.60 8.86 -4.17
C GLY A 354 4.01 10.21 -4.61
N GLY A 355 5.30 10.48 -4.46
CA GLY A 355 5.75 11.84 -4.63
C GLY A 355 7.28 12.01 -4.55
N THR A 356 7.61 13.23 -4.84
CA THR A 356 8.97 13.72 -4.89
C THR A 356 9.40 14.16 -3.46
N LEU A 357 10.66 13.95 -3.14
CA LEU A 357 11.14 14.37 -1.80
C LEU A 357 10.82 15.77 -1.58
N GLY A 358 10.32 16.14 -0.40
CA GLY A 358 9.98 17.53 -0.11
C GLY A 358 8.44 17.68 -0.22
N GLY A 359 7.75 16.74 -0.84
CA GLY A 359 6.29 16.82 -0.79
C GLY A 359 5.62 17.82 -1.71
N LYS A 360 6.32 18.38 -2.68
CA LYS A 360 5.71 19.45 -3.48
C LYS A 360 5.21 18.99 -4.83
N HIS A 361 5.50 17.76 -5.16
CA HIS A 361 4.90 17.18 -6.31
C HIS A 361 4.41 15.74 -5.98
N THR A 362 3.09 15.53 -5.95
CA THR A 362 2.52 14.17 -5.80
C THR A 362 1.50 13.76 -6.85
N LEU A 363 1.32 12.47 -6.93
CA LEU A 363 0.34 11.87 -7.82
C LEU A 363 -0.37 10.71 -7.05
N ALA A 364 -1.65 10.51 -7.32
CA ALA A 364 -2.30 9.27 -7.00
C ALA A 364 -3.15 8.78 -8.14
N VAL A 365 -3.21 7.47 -8.31
CA VAL A 365 -3.89 6.89 -9.40
C VAL A 365 -4.47 5.58 -9.02
N ASN A 366 -5.65 5.30 -9.58
CA ASN A 366 -6.34 4.08 -9.29
C ASN A 366 -7.04 3.49 -10.52
N LEU A 367 -7.00 2.17 -10.65
CA LEU A 367 -7.74 1.40 -11.61
C LEU A 367 -8.71 0.49 -10.89
N ASN A 368 -9.88 0.28 -11.48
CA ASN A 368 -10.89 -0.53 -10.85
C ASN A 368 -10.95 -1.93 -11.33
N SER A 369 -9.79 -2.52 -11.58
CA SER A 369 -9.72 -3.93 -11.69
C SER A 369 -8.34 -4.42 -11.34
N LEU A 370 -8.30 -5.61 -10.76
CA LEU A 370 -7.06 -6.33 -10.51
C LEU A 370 -6.86 -7.31 -11.70
N ASN A 371 -5.98 -6.95 -12.59
CA ASN A 371 -5.71 -7.74 -13.82
C ASN A 371 -4.33 -8.36 -13.69
N ALA A 372 -4.30 -9.65 -13.45
CA ALA A 372 -3.06 -10.36 -13.11
C ALA A 372 -2.08 -10.36 -14.28
N GLU A 373 -2.54 -10.12 -15.50
CA GLU A 373 -1.64 -9.99 -16.62
C GLU A 373 -0.99 -8.66 -16.72
N SER A 374 -1.48 -7.63 -16.06
CA SER A 374 -0.82 -6.35 -16.10
C SER A 374 -0.52 -5.85 -14.72
N PRO A 375 0.45 -6.47 -14.06
CA PRO A 375 0.83 -6.03 -12.71
C PRO A 375 1.49 -4.68 -12.64
N ASP A 376 2.02 -4.09 -13.68
CA ASP A 376 2.77 -2.86 -13.36
C ASP A 376 2.27 -1.68 -14.20
N PRO A 377 1.00 -1.34 -14.04
CA PRO A 377 0.47 -0.59 -15.15
C PRO A 377 0.80 0.84 -15.19
N PHE A 378 1.37 1.44 -14.16
CA PHE A 378 1.35 2.89 -14.06
C PHE A 378 2.64 3.51 -14.58
N LYS A 379 3.53 2.69 -15.06
CA LYS A 379 4.87 3.19 -15.44
C LYS A 379 4.82 4.41 -16.43
N ASN A 380 4.01 4.36 -17.47
CA ASN A 380 4.00 5.57 -18.36
C ASN A 380 3.36 6.76 -17.85
N ILE A 381 2.40 6.61 -16.95
CA ILE A 381 1.85 7.80 -16.33
C ILE A 381 2.92 8.52 -15.58
N LEU A 382 3.72 7.76 -14.85
CA LEU A 382 4.70 8.43 -13.97
C LEU A 382 5.75 9.16 -14.84
N LEU A 383 6.17 8.45 -15.88
CA LEU A 383 7.12 9.01 -16.87
C LEU A 383 6.57 10.32 -17.39
N ALA A 384 5.27 10.39 -17.74
CA ALA A 384 4.75 11.63 -18.27
C ALA A 384 4.67 12.70 -17.24
N GLU A 385 4.25 12.32 -16.04
CA GLU A 385 3.91 13.40 -15.07
C GLU A 385 5.19 13.94 -14.40
N PHE A 386 6.18 13.07 -14.26
CA PHE A 386 7.41 13.46 -13.53
C PHE A 386 8.62 13.73 -14.42
N SER A 387 8.53 13.42 -15.70
CA SER A 387 9.58 13.75 -16.67
C SER A 387 9.16 15.08 -17.27
N LYS A 388 10.01 16.11 -17.14
CA LYS A 388 11.50 15.96 -17.18
C LYS A 388 12.25 16.51 -15.98
#